data_4E8U
#
_entry.id   4E8U
#
_cell.length_a   52.370
_cell.length_b   207.022
_cell.length_c   119.629
_cell.angle_alpha   90.000
_cell.angle_beta   90.000
_cell.angle_gamma   90.000
#
_symmetry.space_group_name_H-M   'C 2 2 21'
#
loop_
_entity.id
_entity.type
_entity.pdbx_description
1 polymer 'Putative uncharacterized protein T8P19.180'
2 non-polymer 'SULFATE ION'
3 water water
#
_entity_poly.entity_id   1
_entity_poly.type   'polypeptide(L)'
_entity_poly.pdbx_seq_one_letter_code
;SDCDHDEKLVYPWKGIVVNIPTTKAQDGRSAGESGSKLRDEYILRGFNPTRVRPLWNYLGHSGTAIVEFNKDWNGLHNGL
LFDKAYTVDGHGKKDWLKKDGPKLGLYGWIARADDYNGNNIIGENLRKTGDLKTIAELTEEEARKQELLVQNLRQLVEEK
KKDMKEIEELCS
;
_entity_poly.pdbx_strand_id   A,C
#
loop_
_chem_comp.id
_chem_comp.type
_chem_comp.name
_chem_comp.formula
SO4 non-polymer 'SULFATE ION' 'O4 S -2'
#
# COMPACT_ATOMS: atom_id res chain seq x y z
N ASP A 6 -12.97 16.97 25.17
CA ASP A 6 -14.12 17.88 25.27
C ASP A 6 -15.42 17.13 25.54
N GLU A 7 -16.47 17.48 24.79
CA GLU A 7 -17.76 16.80 24.91
C GLU A 7 -17.75 15.48 24.16
N LYS A 8 -18.50 14.50 24.67
CA LYS A 8 -18.57 13.18 24.06
C LYS A 8 -19.75 13.07 23.11
N LEU A 9 -19.81 11.98 22.35
CA LEU A 9 -20.92 11.75 21.45
C LEU A 9 -21.29 10.29 21.41
N VAL A 10 -22.40 9.97 20.77
CA VAL A 10 -22.91 8.61 20.83
C VAL A 10 -22.40 7.84 19.64
N TYR A 11 -21.63 6.80 19.91
CA TYR A 11 -21.17 5.91 18.85
C TYR A 11 -21.97 4.61 18.84
N PRO A 12 -22.51 4.23 17.68
CA PRO A 12 -22.46 4.93 16.39
C PRO A 12 -23.23 6.23 16.41
N TRP A 13 -22.76 7.20 15.63
CA TRP A 13 -23.34 8.55 15.61
C TRP A 13 -24.83 8.50 15.43
N LYS A 14 -25.54 9.32 16.19
CA LYS A 14 -27.00 9.36 16.08
C LYS A 14 -27.56 10.77 16.05
N GLY A 15 -28.69 10.92 15.39
CA GLY A 15 -29.38 12.20 15.35
C GLY A 15 -30.69 12.07 16.09
N ILE A 16 -31.03 13.13 16.81
CA ILE A 16 -32.30 13.20 17.51
C ILE A 16 -33.18 14.22 16.84
N VAL A 17 -34.38 13.82 16.44
CA VAL A 17 -35.34 14.84 16.02
C VAL A 17 -36.67 14.74 16.76
N VAL A 18 -37.16 15.90 17.17
CA VAL A 18 -38.38 15.99 17.97
C VAL A 18 -39.41 16.89 17.28
N ASN A 19 -40.62 16.83 17.81
CA ASN A 19 -41.68 17.67 17.32
C ASN A 19 -42.31 17.11 16.07
N ILE A 20 -42.09 15.84 15.83
CA ILE A 20 -42.81 15.14 14.77
C ILE A 20 -44.32 15.20 15.02
N PRO A 21 -45.09 15.61 14.02
CA PRO A 21 -46.55 15.64 14.09
C PRO A 21 -47.14 14.24 14.25
N THR A 22 -48.08 14.08 15.17
CA THR A 22 -48.73 12.79 15.34
C THR A 22 -50.23 12.94 15.28
N THR A 23 -50.89 11.81 15.22
CA THR A 23 -52.33 11.78 15.05
C THR A 23 -52.95 10.77 16.04
N LYS A 24 -53.97 11.18 16.80
CA LYS A 24 -54.57 10.30 17.81
C LYS A 24 -55.78 9.53 17.24
N ALA A 25 -55.66 8.22 17.19
CA ALA A 25 -56.74 7.33 16.73
C ALA A 25 -57.83 7.13 17.80
N GLN A 26 -58.92 6.44 17.45
CA GLN A 26 -59.99 6.15 18.43
C GLN A 26 -59.47 5.59 19.75
N ASP A 27 -58.60 4.58 19.65
CA ASP A 27 -58.14 3.86 20.83
C ASP A 27 -57.21 4.69 21.70
N GLY A 28 -56.88 5.90 21.26
CA GLY A 28 -56.15 6.82 22.09
C GLY A 28 -54.66 6.79 21.82
N ARG A 29 -54.25 5.95 20.87
CA ARG A 29 -52.85 5.88 20.51
C ARG A 29 -52.52 6.85 19.38
N SER A 30 -51.34 7.45 19.45
CA SER A 30 -50.85 8.35 18.42
C SER A 30 -50.12 7.55 17.35
N ALA A 31 -50.19 8.02 16.12
CA ALA A 31 -49.41 7.46 15.01
C ALA A 31 -48.75 8.58 14.17
N GLY A 32 -47.95 8.19 13.20
CA GLY A 32 -47.21 9.14 12.40
C GLY A 32 -46.60 8.55 11.15
N GLU A 33 -45.85 9.37 10.42
CA GLU A 33 -45.19 8.87 9.23
C GLU A 33 -44.16 7.82 9.58
N SER A 34 -43.81 7.00 8.60
CA SER A 34 -42.87 5.91 8.81
C SER A 34 -41.48 6.46 9.12
N GLY A 35 -41.22 7.67 8.65
CA GLY A 35 -39.91 8.28 8.83
C GLY A 35 -38.96 7.91 7.71
N SER A 36 -39.34 6.92 6.90
CA SER A 36 -38.59 6.64 5.70
C SER A 36 -38.81 7.82 4.75
N LYS A 37 -39.93 8.52 4.94
CA LYS A 37 -40.17 9.74 4.21
C LYS A 37 -39.14 10.78 4.64
N LEU A 38 -38.87 10.82 5.93
CA LEU A 38 -37.90 11.76 6.48
C LEU A 38 -36.47 11.34 6.14
N ARG A 39 -36.19 10.04 6.22
CA ARG A 39 -34.93 9.50 5.71
C ARG A 39 -34.66 10.02 4.27
N ASP A 40 -35.59 9.77 3.36
CA ASP A 40 -35.41 10.23 1.99
C ASP A 40 -35.06 11.71 1.92
N GLU A 41 -35.77 12.54 2.67
CA GLU A 41 -35.51 13.98 2.59
C GLU A 41 -34.06 14.23 2.95
N TYR A 42 -33.66 13.70 4.10
CA TYR A 42 -32.30 13.85 4.58
C TYR A 42 -31.28 13.31 3.57
N ILE A 43 -31.69 12.29 2.82
CA ILE A 43 -30.77 11.76 1.82
C ILE A 43 -30.58 12.78 0.71
N LEU A 44 -31.69 13.25 0.13
CA LEU A 44 -31.67 14.30 -0.86
C LEU A 44 -30.92 15.55 -0.39
N ARG A 45 -30.81 15.70 0.93
CA ARG A 45 -30.17 16.89 1.49
C ARG A 45 -28.67 16.70 1.63
N GLY A 46 -28.22 15.49 1.34
CA GLY A 46 -26.81 15.16 1.43
C GLY A 46 -26.46 14.54 2.77
N PHE A 47 -27.43 14.42 3.66
CA PHE A 47 -27.20 13.93 5.02
C PHE A 47 -26.96 12.44 5.10
N ASN A 48 -27.30 11.71 4.04
CA ASN A 48 -27.01 10.28 3.90
C ASN A 48 -27.04 9.47 5.20
N PRO A 49 -28.22 9.40 5.84
CA PRO A 49 -28.48 8.56 7.01
C PRO A 49 -28.87 7.17 6.54
N THR A 50 -28.68 6.18 7.42
CA THR A 50 -28.96 4.80 7.08
C THR A 50 -30.41 4.50 7.45
N ARG A 51 -30.85 5.10 8.54
CA ARG A 51 -32.12 4.73 9.13
C ARG A 51 -32.71 5.90 9.89
N VAL A 52 -34.02 6.10 9.76
CA VAL A 52 -34.75 6.98 10.66
C VAL A 52 -35.91 6.26 11.35
N ARG A 53 -35.76 5.96 12.64
CA ARG A 53 -36.84 5.31 13.39
C ARG A 53 -37.41 6.17 14.53
N PRO A 54 -38.73 6.34 14.54
CA PRO A 54 -39.41 7.06 15.60
C PRO A 54 -39.35 6.28 16.90
N LEU A 55 -39.23 6.97 18.02
CA LEU A 55 -39.29 6.29 19.31
C LEU A 55 -40.73 5.99 19.69
N TRP A 56 -41.00 4.73 20.03
CA TRP A 56 -42.34 4.29 20.43
CA TRP A 56 -42.35 4.35 20.43
C TRP A 56 -42.48 4.17 21.93
N ASN A 57 -43.73 4.16 22.39
CA ASN A 57 -44.08 3.92 23.77
C ASN A 57 -45.46 3.21 23.84
N TYR A 58 -46.06 3.22 25.03
CA TYR A 58 -47.37 2.63 25.24
CA TYR A 58 -47.38 2.65 25.28
C TYR A 58 -48.46 3.32 24.44
N LEU A 59 -48.24 4.59 24.15
CA LEU A 59 -49.19 5.39 23.38
C LEU A 59 -48.89 5.25 21.90
N GLY A 60 -47.71 4.73 21.59
CA GLY A 60 -47.24 4.68 20.21
C GLY A 60 -46.26 5.80 19.92
N HIS A 61 -46.49 6.53 18.84
CA HIS A 61 -45.48 7.48 18.41
C HIS A 61 -45.29 8.63 19.40
N SER A 62 -44.09 8.75 19.97
CA SER A 62 -43.77 9.80 20.94
C SER A 62 -43.48 11.16 20.30
N GLY A 63 -43.56 11.21 18.98
CA GLY A 63 -43.25 12.46 18.30
C GLY A 63 -41.77 12.74 18.24
N THR A 64 -40.96 11.74 18.59
CA THR A 64 -39.51 11.90 18.44
C THR A 64 -38.90 10.71 17.73
N ALA A 65 -37.87 10.98 16.93
CA ALA A 65 -37.21 9.91 16.19
C ALA A 65 -35.71 10.02 16.32
N ILE A 66 -35.08 8.86 16.20
CA ILE A 66 -33.63 8.79 16.15
C ILE A 66 -33.16 8.60 14.73
N VAL A 67 -32.26 9.48 14.31
CA VAL A 67 -31.61 9.39 13.01
C VAL A 67 -30.29 8.63 13.14
N GLU A 68 -30.13 7.61 12.30
CA GLU A 68 -28.96 6.73 12.38
C GLU A 68 -27.98 7.03 11.26
N PHE A 69 -26.72 7.28 11.61
CA PHE A 69 -25.66 7.47 10.60
C PHE A 69 -24.63 6.36 10.58
N ASN A 70 -23.87 6.27 9.48
CA ASN A 70 -22.87 5.21 9.30
C ASN A 70 -21.76 5.28 10.34
N LYS A 71 -21.27 4.12 10.77
CA LYS A 71 -20.24 4.06 11.82
C LYS A 71 -18.98 4.87 11.49
N ASP A 72 -18.64 4.97 10.21
CA ASP A 72 -17.37 5.57 9.78
C ASP A 72 -17.31 7.09 9.88
N TRP A 73 -16.19 7.67 9.47
CA TRP A 73 -15.95 9.10 9.60
C TRP A 73 -16.83 9.96 8.67
N ASN A 74 -17.30 9.37 7.59
CA ASN A 74 -18.26 10.05 6.75
C ASN A 74 -19.56 10.24 7.50
N GLY A 75 -19.88 9.22 8.30
CA GLY A 75 -21.04 9.27 9.18
C GLY A 75 -20.99 10.51 10.04
N LEU A 76 -20.01 10.55 10.93
CA LEU A 76 -19.87 11.68 11.83
C LEU A 76 -19.99 12.99 11.07
N HIS A 77 -19.41 13.03 9.88
CA HIS A 77 -19.51 14.20 9.02
C HIS A 77 -20.98 14.53 8.74
N ASN A 78 -21.68 13.57 8.15
CA ASN A 78 -23.10 13.73 7.88
C ASN A 78 -23.89 14.26 9.08
N GLY A 79 -23.75 13.57 10.20
CA GLY A 79 -24.48 13.91 11.40
C GLY A 79 -24.22 15.34 11.81
N LEU A 80 -22.96 15.74 11.82
CA LEU A 80 -22.61 17.10 12.20
C LEU A 80 -23.29 18.13 11.30
N LEU A 81 -23.32 17.84 10.01
CA LEU A 81 -24.01 18.67 9.04
C LEU A 81 -25.47 18.82 9.44
N PHE A 82 -26.14 17.68 9.57
CA PHE A 82 -27.47 17.60 10.15
C PHE A 82 -27.59 18.55 11.34
N ASP A 83 -26.69 18.40 12.31
CA ASP A 83 -26.69 19.27 13.48
C ASP A 83 -26.58 20.76 13.13
N LYS A 84 -25.57 21.14 12.35
CA LYS A 84 -25.31 22.55 12.02
C LYS A 84 -26.45 23.19 11.24
N ALA A 85 -27.01 22.42 10.31
CA ALA A 85 -28.22 22.81 9.60
C ALA A 85 -29.35 23.30 10.53
N TYR A 86 -29.85 22.41 11.38
CA TYR A 86 -30.93 22.76 12.31
C TYR A 86 -30.54 23.95 13.17
N THR A 87 -29.29 23.94 13.64
CA THR A 87 -28.81 24.99 14.52
C THR A 87 -28.89 26.34 13.85
N VAL A 88 -28.36 26.42 12.65
CA VAL A 88 -28.40 27.68 11.90
C VAL A 88 -29.80 28.05 11.41
N ASP A 89 -30.67 27.05 11.23
CA ASP A 89 -32.04 27.30 10.82
C ASP A 89 -32.87 27.85 11.99
N GLY A 90 -32.25 28.01 13.15
CA GLY A 90 -32.95 28.41 14.37
C GLY A 90 -33.74 27.28 15.01
N HIS A 91 -33.32 26.04 14.78
CA HIS A 91 -34.07 24.87 15.24
C HIS A 91 -33.18 23.86 15.95
N GLY A 92 -32.26 24.35 16.79
CA GLY A 92 -31.40 23.47 17.56
C GLY A 92 -32.09 22.98 18.83
N LYS A 93 -31.33 22.35 19.73
CA LYS A 93 -31.88 21.95 21.01
C LYS A 93 -32.16 23.19 21.84
N LYS A 94 -31.16 24.08 21.94
CA LYS A 94 -31.33 25.30 22.71
C LYS A 94 -32.61 26.01 22.26
N ASP A 95 -32.95 25.87 20.99
CA ASP A 95 -34.17 26.45 20.44
C ASP A 95 -35.41 25.67 20.83
N TRP A 96 -35.28 24.36 20.94
CA TRP A 96 -36.41 23.53 21.29
C TRP A 96 -36.86 23.80 22.73
N LEU A 97 -35.94 24.32 23.53
CA LEU A 97 -36.07 24.34 24.98
C LEU A 97 -36.46 25.69 25.58
N LYS A 98 -36.46 26.72 24.74
CA LYS A 98 -36.86 28.06 25.20
C LYS A 98 -38.35 28.05 25.54
N LYS A 99 -38.70 28.54 26.73
CA LYS A 99 -40.09 28.56 27.15
C LYS A 99 -40.79 29.72 26.44
N ASP A 100 -40.06 30.30 25.50
CA ASP A 100 -40.47 31.48 24.74
C ASP A 100 -41.70 31.31 23.85
N GLY A 101 -42.36 30.15 23.91
CA GLY A 101 -43.61 30.01 23.17
C GLY A 101 -43.82 28.76 22.32
N PRO A 102 -44.51 28.92 21.19
CA PRO A 102 -45.02 27.86 20.31
C PRO A 102 -44.08 27.53 19.15
N LYS A 103 -43.78 26.25 18.97
CA LYS A 103 -42.78 25.83 18.01
C LYS A 103 -43.37 25.17 16.76
N LEU A 104 -42.82 25.56 15.60
CA LEU A 104 -43.25 25.02 14.32
C LEU A 104 -42.16 24.22 13.62
N GLY A 105 -42.52 23.02 13.18
CA GLY A 105 -41.62 22.18 12.41
C GLY A 105 -40.60 21.42 13.23
N LEU A 106 -39.87 20.55 12.56
CA LEU A 106 -38.91 19.69 13.23
C LEU A 106 -37.84 20.50 13.94
N TYR A 107 -37.42 19.99 15.09
CA TYR A 107 -36.23 20.49 15.75
C TYR A 107 -35.32 19.26 15.92
N GLY A 108 -34.02 19.45 15.70
CA GLY A 108 -33.11 18.33 15.57
C GLY A 108 -31.67 18.65 15.96
N TRP A 109 -30.98 17.63 16.43
CA TRP A 109 -29.62 17.83 16.94
C TRP A 109 -28.88 16.50 17.11
N ILE A 110 -27.57 16.57 17.05
CA ILE A 110 -26.79 15.36 17.15
C ILE A 110 -26.69 14.98 18.61
N ALA A 111 -26.66 13.67 18.87
CA ALA A 111 -26.71 13.11 20.22
C ALA A 111 -25.37 13.17 20.96
N ARG A 112 -25.35 13.92 22.05
CA ARG A 112 -24.17 13.99 22.92
C ARG A 112 -24.41 13.31 24.28
N ALA A 113 -23.57 13.60 25.26
CA ALA A 113 -23.69 12.94 26.57
C ALA A 113 -25.00 13.28 27.28
N ASP A 114 -25.38 14.56 27.26
CA ASP A 114 -26.62 14.97 27.90
C ASP A 114 -27.78 14.08 27.48
N ASP A 115 -27.93 13.85 26.18
CA ASP A 115 -29.01 13.02 25.67
C ASP A 115 -28.88 11.55 26.05
N TYR A 116 -27.66 11.05 26.03
CA TYR A 116 -27.36 9.67 26.39
C TYR A 116 -27.67 9.45 27.87
N ASN A 117 -27.35 10.45 28.69
CA ASN A 117 -27.58 10.37 30.13
C ASN A 117 -29.05 10.51 30.48
N GLY A 118 -29.57 11.71 30.25
CA GLY A 118 -30.99 12.00 30.37
C GLY A 118 -31.92 10.85 30.72
N ASN A 119 -32.80 11.11 31.68
CA ASN A 119 -33.68 10.10 32.22
C ASN A 119 -35.05 10.14 31.52
N ASN A 120 -35.10 9.60 30.31
CA ASN A 120 -36.27 9.72 29.41
C ASN A 120 -36.22 8.72 28.25
N ILE A 121 -37.24 8.74 27.39
CA ILE A 121 -37.34 7.77 26.30
C ILE A 121 -36.19 7.84 25.27
N ILE A 122 -35.63 9.04 25.09
CA ILE A 122 -34.43 9.20 24.29
C ILE A 122 -33.27 8.47 24.93
N GLY A 123 -32.71 9.04 26.00
CA GLY A 123 -31.60 8.44 26.72
C GLY A 123 -31.65 6.93 26.88
N GLU A 124 -32.85 6.43 27.14
CA GLU A 124 -33.11 5.00 27.23
C GLU A 124 -32.88 4.30 25.90
N ASN A 125 -33.22 4.97 24.80
CA ASN A 125 -33.02 4.33 23.51
C ASN A 125 -31.63 4.59 22.91
N LEU A 126 -30.90 5.52 23.51
CA LEU A 126 -29.51 5.75 23.14
C LEU A 126 -28.55 4.76 23.81
N ARG A 127 -28.81 4.45 25.07
CA ARG A 127 -28.00 3.47 25.79
C ARG A 127 -28.30 2.04 25.36
N LYS A 128 -29.53 1.79 24.92
CA LYS A 128 -29.87 0.48 24.38
C LYS A 128 -29.14 0.21 23.06
N THR A 129 -28.61 1.26 22.43
CA THR A 129 -28.08 1.13 21.07
C THR A 129 -26.66 1.63 20.83
N GLY A 130 -26.04 2.29 21.80
CA GLY A 130 -24.72 2.86 21.59
C GLY A 130 -23.99 3.39 22.80
N ASP A 131 -22.75 3.84 22.62
CA ASP A 131 -21.90 4.22 23.74
C ASP A 131 -21.22 5.55 23.50
N LEU A 132 -20.98 6.28 24.60
CA LEU A 132 -20.30 7.56 24.51
C LEU A 132 -18.84 7.39 24.06
N LYS A 133 -18.34 8.34 23.29
CA LYS A 133 -16.94 8.38 22.83
C LYS A 133 -16.48 9.82 22.57
N THR A 134 -15.26 10.14 22.94
CA THR A 134 -14.81 11.52 22.84
C THR A 134 -13.95 11.78 21.60
N ILE A 135 -14.47 12.63 20.72
CA ILE A 135 -13.87 12.97 19.43
C ILE A 135 -12.34 12.93 19.36
N ALA A 136 -11.70 13.88 20.01
CA ALA A 136 -10.23 13.93 20.04
C ALA A 136 -9.62 12.55 20.27
N GLU A 137 -10.04 11.86 21.32
CA GLU A 137 -9.56 10.50 21.57
C GLU A 137 -9.59 9.65 20.30
N LEU A 138 -10.69 9.75 19.54
CA LEU A 138 -10.81 9.01 18.28
C LEU A 138 -9.96 9.65 17.20
N THR A 139 -10.10 10.96 17.09
CA THR A 139 -9.42 11.76 16.08
C THR A 139 -7.90 11.56 16.19
N GLU A 140 -7.44 11.29 17.41
CA GLU A 140 -6.03 11.10 17.67
C GLU A 140 -5.59 9.75 17.11
N GLU A 141 -6.17 8.68 17.65
CA GLU A 141 -5.81 7.32 17.25
C GLU A 141 -5.72 7.14 15.73
N GLU A 142 -6.55 7.89 15.01
CA GLU A 142 -6.62 7.74 13.54
C GLU A 142 -5.42 8.34 12.83
N ALA A 143 -4.94 9.49 13.30
CA ALA A 143 -3.77 10.13 12.70
C ALA A 143 -2.49 9.50 13.26
N ARG A 144 -2.63 8.75 14.35
CA ARG A 144 -1.54 7.97 14.89
C ARG A 144 -1.40 6.68 14.10
N LYS A 145 -2.54 6.07 13.77
CA LYS A 145 -2.58 4.87 12.94
C LYS A 145 -1.98 5.19 11.58
N GLN A 146 -2.03 6.45 11.21
CA GLN A 146 -1.56 6.86 9.89
C GLN A 146 -0.09 7.27 9.87
N GLU A 147 0.30 8.14 10.79
CA GLU A 147 1.70 8.48 10.97
C GLU A 147 2.49 7.18 11.17
N LEU A 148 1.78 6.12 11.54
CA LEU A 148 2.41 4.84 11.82
C LEU A 148 2.78 4.10 10.54
N LEU A 149 1.86 4.03 9.58
CA LEU A 149 2.17 3.27 8.39
C LEU A 149 3.26 3.95 7.57
N VAL A 150 3.18 5.26 7.43
CA VAL A 150 4.17 5.99 6.65
C VAL A 150 5.60 5.63 7.06
N GLN A 151 5.83 5.56 8.37
CA GLN A 151 7.09 5.04 8.88
C GLN A 151 7.34 3.73 8.18
N ASN A 152 6.51 2.75 8.50
CA ASN A 152 6.67 1.40 7.95
C ASN A 152 6.90 1.37 6.44
N LEU A 153 6.33 2.33 5.72
CA LEU A 153 6.58 2.42 4.29
C LEU A 153 7.99 2.97 4.04
N ARG A 154 8.25 4.13 4.63
CA ARG A 154 9.57 4.76 4.55
C ARG A 154 10.63 3.77 4.97
N GLN A 155 10.31 2.97 5.99
CA GLN A 155 11.17 1.91 6.47
C GLN A 155 11.51 0.98 5.31
N LEU A 156 10.47 0.52 4.63
CA LEU A 156 10.63 -0.42 3.52
C LEU A 156 11.43 0.21 2.39
N VAL A 157 11.19 1.50 2.14
CA VAL A 157 12.00 2.20 1.16
C VAL A 157 13.44 2.35 1.68
N GLU A 158 13.57 2.91 2.87
CA GLU A 158 14.86 3.03 3.52
C GLU A 158 15.65 1.76 3.29
N GLU A 159 15.00 0.61 3.47
CA GLU A 159 15.62 -0.70 3.24
C GLU A 159 16.10 -0.83 1.80
N LYS A 160 15.20 -0.62 0.84
CA LYS A 160 15.57 -0.76 -0.56
C LYS A 160 16.73 0.17 -0.94
N LYS A 161 16.76 1.35 -0.35
CA LYS A 161 17.90 2.25 -0.53
C LYS A 161 19.21 1.59 -0.09
N LYS A 162 19.21 0.99 1.09
CA LYS A 162 20.39 0.30 1.61
C LYS A 162 20.77 -0.83 0.66
N ASP A 163 19.77 -1.55 0.16
CA ASP A 163 20.00 -2.64 -0.78
C ASP A 163 20.71 -2.09 -2.03
N MET A 164 20.49 -0.82 -2.31
CA MET A 164 21.02 -0.21 -3.52
C MET A 164 22.44 0.30 -3.34
N LYS A 165 22.77 0.70 -2.11
CA LYS A 165 24.13 1.13 -1.80
C LYS A 165 25.05 -0.08 -1.74
N GLU A 166 24.51 -1.21 -1.27
CA GLU A 166 25.22 -2.49 -1.29
C GLU A 166 25.83 -2.73 -2.67
N ILE A 167 24.97 -2.77 -3.68
CA ILE A 167 25.38 -3.03 -5.05
C ILE A 167 26.43 -2.01 -5.52
N GLU A 168 26.15 -0.73 -5.32
CA GLU A 168 27.09 0.32 -5.69
C GLU A 168 28.45 0.10 -5.00
N GLU A 169 28.42 -0.32 -3.73
CA GLU A 169 29.66 -0.53 -2.99
C GLU A 169 30.48 -1.68 -3.55
N LEU A 170 29.78 -2.70 -4.05
CA LEU A 170 30.44 -3.79 -4.78
C LEU A 170 30.97 -3.32 -6.15
N CYS A 171 30.09 -2.70 -6.93
CA CYS A 171 30.40 -2.20 -8.28
C CYS A 171 31.73 -1.44 -8.35
N GLU B 7 31.22 2.28 -16.04
CA GLU B 7 31.24 1.17 -16.98
C GLU B 7 29.85 0.57 -17.14
N LYS B 8 29.55 0.06 -18.35
CA LYS B 8 28.26 -0.57 -18.62
C LYS B 8 28.29 -2.07 -18.42
N LEU B 9 27.13 -2.70 -18.43
CA LEU B 9 27.04 -4.16 -18.29
C LEU B 9 25.95 -4.71 -19.19
N VAL B 10 25.89 -6.03 -19.27
CA VAL B 10 25.00 -6.64 -20.25
C VAL B 10 23.71 -6.99 -19.57
N TYR B 11 22.62 -6.40 -20.07
CA TYR B 11 21.31 -6.73 -19.55
C TYR B 11 20.55 -7.60 -20.53
N PRO B 12 20.02 -8.73 -20.07
CA PRO B 12 20.09 -9.27 -18.72
C PRO B 12 21.50 -9.67 -18.33
N TRP B 13 21.83 -9.55 -17.05
CA TRP B 13 23.17 -9.82 -16.53
C TRP B 13 23.69 -11.16 -16.99
N LYS B 14 24.94 -11.20 -17.41
CA LYS B 14 25.51 -12.46 -17.87
C LYS B 14 26.89 -12.69 -17.30
N GLY B 15 27.25 -13.95 -17.17
CA GLY B 15 28.58 -14.32 -16.74
C GLY B 15 29.30 -15.06 -17.83
N ILE B 16 30.59 -14.81 -17.92
CA ILE B 16 31.45 -15.44 -18.92
C ILE B 16 32.40 -16.37 -18.21
N VAL B 17 32.42 -17.64 -18.60
CA VAL B 17 33.49 -18.48 -18.10
C VAL B 17 34.23 -19.21 -19.22
N VAL B 18 35.56 -19.27 -19.07
CA VAL B 18 36.42 -19.77 -20.13
C VAL B 18 37.33 -20.82 -19.55
N ASN B 19 37.99 -21.53 -20.45
CA ASN B 19 38.93 -22.54 -20.08
C ASN B 19 38.25 -23.82 -19.65
N ILE B 20 37.00 -23.99 -20.07
CA ILE B 20 36.34 -25.27 -19.90
C ILE B 20 37.12 -26.37 -20.64
N PRO B 21 37.37 -27.49 -19.97
CA PRO B 21 38.05 -28.63 -20.60
C PRO B 21 37.19 -29.27 -21.65
N THR B 22 37.75 -29.53 -22.82
CA THR B 22 37.02 -30.18 -23.91
C THR B 22 37.80 -31.40 -24.40
N THR B 23 37.09 -32.22 -25.17
CA THR B 23 37.58 -33.50 -25.63
C THR B 23 37.38 -33.63 -27.16
N LYS B 24 38.42 -34.00 -27.90
CA LYS B 24 38.31 -34.11 -29.37
C LYS B 24 37.99 -35.51 -29.89
N ALA B 25 36.85 -35.63 -30.56
CA ALA B 25 36.31 -36.90 -31.05
C ALA B 25 36.96 -37.24 -32.36
N GLN B 26 36.71 -38.45 -32.88
CA GLN B 26 37.32 -38.91 -34.13
C GLN B 26 37.12 -37.89 -35.23
N ASP B 27 35.90 -37.39 -35.36
CA ASP B 27 35.56 -36.48 -36.45
C ASP B 27 36.20 -35.09 -36.31
N GLY B 28 36.96 -34.88 -35.25
CA GLY B 28 37.67 -33.62 -35.10
C GLY B 28 36.89 -32.52 -34.40
N ARG B 29 35.68 -32.84 -33.94
CA ARG B 29 34.91 -31.92 -33.11
C ARG B 29 35.20 -32.10 -31.61
N SER B 30 35.25 -30.97 -30.89
CA SER B 30 35.37 -30.97 -29.44
C SER B 30 34.01 -31.13 -28.76
N ALA B 31 34.00 -31.79 -27.59
CA ALA B 31 32.80 -31.88 -26.76
C ALA B 31 33.12 -31.57 -25.30
N GLY B 32 32.08 -31.51 -24.46
CA GLY B 32 32.26 -31.18 -23.05
C GLY B 32 31.03 -31.44 -22.19
N GLU B 33 31.12 -31.08 -20.91
CA GLU B 33 30.00 -31.27 -20.02
C GLU B 33 28.85 -30.38 -20.46
N SER B 34 27.65 -30.75 -20.04
CA SER B 34 26.43 -30.03 -20.40
C SER B 34 26.44 -28.64 -19.80
N GLY B 35 27.18 -28.47 -18.71
CA GLY B 35 27.19 -27.20 -18.02
C GLY B 35 26.09 -27.10 -16.99
N SER B 36 25.15 -28.04 -17.04
CA SER B 36 24.13 -28.09 -15.99
C SER B 36 24.83 -28.59 -14.73
N LYS B 37 25.93 -29.31 -14.94
CA LYS B 37 26.78 -29.70 -13.82
C LYS B 37 27.39 -28.45 -13.20
N LEU B 38 27.81 -27.52 -14.06
CA LEU B 38 28.38 -26.26 -13.57
C LEU B 38 27.30 -25.34 -12.97
N ARG B 39 26.12 -25.29 -13.60
CA ARG B 39 24.98 -24.59 -13.05
C ARG B 39 24.78 -25.05 -11.60
N ASP B 40 24.60 -26.35 -11.40
CA ASP B 40 24.39 -26.88 -10.05
C ASP B 40 25.43 -26.40 -9.05
N GLU B 41 26.70 -26.45 -9.44
CA GLU B 41 27.75 -26.04 -8.51
C GLU B 41 27.53 -24.59 -8.11
N TYR B 42 27.31 -23.73 -9.11
CA TYR B 42 27.08 -22.32 -8.86
C TYR B 42 25.85 -22.14 -7.96
N ILE B 43 24.88 -23.03 -8.10
CA ILE B 43 23.68 -22.89 -7.31
C ILE B 43 24.00 -23.16 -5.86
N LEU B 44 24.59 -24.32 -5.59
CA LEU B 44 25.12 -24.65 -4.27
C LEU B 44 26.01 -23.57 -3.68
N ARG B 45 26.60 -22.73 -4.54
CA ARG B 45 27.54 -21.72 -4.07
C ARG B 45 26.81 -20.45 -3.66
N GLY B 46 25.50 -20.44 -3.93
CA GLY B 46 24.69 -19.27 -3.69
C GLY B 46 24.55 -18.36 -4.90
N PHE B 47 25.21 -18.71 -6.00
CA PHE B 47 25.21 -17.85 -7.20
C PHE B 47 23.90 -17.84 -7.96
N ASN B 48 23.03 -18.81 -7.67
CA ASN B 48 21.67 -18.87 -8.23
C ASN B 48 21.51 -18.36 -9.66
N PRO B 49 22.19 -19.01 -10.62
CA PRO B 49 22.03 -18.72 -12.05
C PRO B 49 20.87 -19.52 -12.59
N THR B 50 20.28 -19.03 -13.67
CA THR B 50 19.13 -19.68 -14.27
C THR B 50 19.62 -20.72 -15.26
N ARG B 51 20.72 -20.43 -15.93
CA ARG B 51 21.14 -21.22 -17.07
C ARG B 51 22.65 -21.12 -17.22
N VAL B 52 23.30 -22.23 -17.54
CA VAL B 52 24.69 -22.20 -18.03
C VAL B 52 24.83 -22.88 -19.41
N ARG B 53 25.01 -22.09 -20.46
CA ARG B 53 25.20 -22.67 -21.80
C ARG B 53 26.57 -22.41 -22.43
N PRO B 54 27.27 -23.48 -22.81
CA PRO B 54 28.56 -23.35 -23.48
C PRO B 54 28.37 -22.75 -24.85
N LEU B 55 29.33 -21.97 -25.33
CA LEU B 55 29.25 -21.42 -26.67
C LEU B 55 29.76 -22.47 -27.65
N TRP B 56 28.97 -22.77 -28.67
CA TRP B 56 29.44 -23.67 -29.71
C TRP B 56 29.75 -22.95 -31.05
N ASN B 57 30.51 -23.64 -31.92
CA ASN B 57 30.84 -23.18 -33.29
C ASN B 57 30.79 -24.43 -34.16
N TYR B 58 31.43 -24.43 -35.32
CA TYR B 58 31.36 -25.65 -36.14
C TYR B 58 32.42 -26.71 -35.70
N LEU B 59 33.30 -26.37 -34.77
CA LEU B 59 34.11 -27.40 -34.08
C LEU B 59 33.32 -28.00 -32.93
N GLY B 60 32.25 -27.32 -32.54
CA GLY B 60 31.56 -27.69 -31.32
C GLY B 60 32.06 -26.86 -30.15
N HIS B 61 32.35 -27.51 -29.04
CA HIS B 61 32.50 -26.79 -27.80
C HIS B 61 33.73 -25.90 -27.82
N SER B 62 33.51 -24.57 -27.73
CA SER B 62 34.61 -23.60 -27.77
C SER B 62 35.41 -23.50 -26.48
N GLY B 63 35.01 -24.25 -25.46
CA GLY B 63 35.69 -24.15 -24.19
C GLY B 63 35.25 -22.95 -23.39
N THR B 64 34.19 -22.28 -23.83
CA THR B 64 33.67 -21.13 -23.10
C THR B 64 32.17 -21.21 -22.97
N ALA B 65 31.66 -20.72 -21.86
CA ALA B 65 30.22 -20.73 -21.63
C ALA B 65 29.74 -19.41 -21.09
N ILE B 66 28.47 -19.13 -21.37
CA ILE B 66 27.80 -17.99 -20.79
C ILE B 66 26.92 -18.41 -19.62
N VAL B 67 27.12 -17.74 -18.48
CA VAL B 67 26.28 -17.92 -17.30
C VAL B 67 25.16 -16.89 -17.30
N GLU B 68 23.92 -17.36 -17.19
CA GLU B 68 22.74 -16.50 -17.26
C GLU B 68 22.17 -16.24 -15.87
N PHE B 69 21.95 -14.98 -15.53
CA PHE B 69 21.33 -14.61 -14.23
C PHE B 69 19.97 -13.95 -14.42
N ASN B 70 19.15 -13.96 -13.35
CA ASN B 70 17.81 -13.40 -13.40
C ASN B 70 17.81 -11.92 -13.72
N LYS B 71 16.78 -11.46 -14.44
CA LYS B 71 16.73 -10.07 -14.89
C LYS B 71 16.76 -9.05 -13.74
N ASP B 72 16.23 -9.44 -12.58
CA ASP B 72 16.04 -8.53 -11.44
C ASP B 72 17.31 -8.18 -10.69
N TRP B 73 17.18 -7.37 -9.64
CA TRP B 73 18.31 -6.88 -8.87
C TRP B 73 19.03 -7.95 -8.06
N ASN B 74 18.31 -9.02 -7.74
CA ASN B 74 18.97 -10.17 -7.11
C ASN B 74 19.93 -10.80 -8.09
N GLY B 75 19.54 -10.80 -9.36
CA GLY B 75 20.39 -11.29 -10.43
C GLY B 75 21.72 -10.56 -10.41
N LEU B 76 21.69 -9.27 -10.69
CA LEU B 76 22.92 -8.48 -10.71
C LEU B 76 23.77 -8.78 -9.49
N HIS B 77 23.12 -8.92 -8.33
CA HIS B 77 23.81 -9.28 -7.09
C HIS B 77 24.56 -10.59 -7.28
N ASN B 78 23.85 -11.64 -7.66
CA ASN B 78 24.44 -12.96 -7.87
C ASN B 78 25.66 -12.87 -8.79
N GLY B 79 25.44 -12.24 -9.94
CA GLY B 79 26.48 -12.14 -10.95
C GLY B 79 27.72 -11.47 -10.41
N LEU B 80 27.54 -10.37 -9.70
CA LEU B 80 28.66 -9.66 -9.10
C LEU B 80 29.44 -10.54 -8.13
N LEU B 81 28.73 -11.33 -7.36
CA LEU B 81 29.36 -12.28 -6.45
C LEU B 81 30.23 -13.26 -7.22
N PHE B 82 29.60 -13.91 -8.20
CA PHE B 82 30.30 -14.72 -9.19
C PHE B 82 31.59 -14.01 -9.61
N ASP B 83 31.46 -12.78 -10.08
CA ASP B 83 32.62 -11.99 -10.48
C ASP B 83 33.68 -11.86 -9.39
N LYS B 84 33.28 -11.39 -8.21
CA LYS B 84 34.23 -11.11 -7.13
C LYS B 84 34.94 -12.37 -6.63
N ALA B 85 34.18 -13.47 -6.56
CA ALA B 85 34.76 -14.78 -6.28
C ALA B 85 35.96 -15.13 -7.15
N TYR B 86 35.75 -15.22 -8.46
CA TYR B 86 36.84 -15.56 -9.38
C TYR B 86 37.98 -14.58 -9.28
N THR B 87 37.65 -13.29 -9.20
CA THR B 87 38.65 -12.24 -9.09
C THR B 87 39.56 -12.45 -7.87
N VAL B 88 38.95 -12.63 -6.71
CA VAL B 88 39.72 -12.86 -5.49
C VAL B 88 40.42 -14.21 -5.47
N ASP B 89 39.86 -15.19 -6.19
CA ASP B 89 40.49 -16.51 -6.29
C ASP B 89 41.73 -16.47 -7.19
N GLY B 90 42.04 -15.30 -7.72
CA GLY B 90 43.11 -15.16 -8.71
C GLY B 90 42.75 -15.65 -10.10
N HIS B 91 41.45 -15.66 -10.41
CA HIS B 91 40.97 -16.20 -11.68
C HIS B 91 40.03 -15.23 -12.42
N GLY B 92 40.40 -13.95 -12.45
CA GLY B 92 39.59 -12.97 -13.16
C GLY B 92 39.95 -12.94 -14.63
N LYS B 93 39.46 -11.94 -15.35
CA LYS B 93 39.84 -11.76 -16.75
C LYS B 93 41.30 -11.35 -16.82
N LYS B 94 41.67 -10.31 -16.06
CA LYS B 94 43.05 -9.86 -16.03
C LYS B 94 43.99 -11.03 -15.79
N ASP B 95 43.52 -12.01 -15.02
CA ASP B 95 44.29 -13.23 -14.78
C ASP B 95 44.32 -14.17 -15.98
N TRP B 96 43.22 -14.23 -16.72
CA TRP B 96 43.13 -15.11 -17.88
C TRP B 96 44.08 -14.66 -18.96
N LEU B 97 44.40 -13.37 -18.94
CA LEU B 97 45.04 -12.70 -20.08
C LEU B 97 46.55 -12.48 -19.96
N LYS B 98 47.10 -12.75 -18.78
CA LYS B 98 48.54 -12.62 -18.55
C LYS B 98 49.26 -13.66 -19.39
N LYS B 99 50.26 -13.24 -20.15
CA LYS B 99 51.03 -14.16 -21.00
C LYS B 99 52.00 -14.93 -20.11
N ASP B 100 51.83 -14.72 -18.81
CA ASP B 100 52.68 -15.30 -17.77
C ASP B 100 52.69 -16.82 -17.67
N GLY B 101 52.04 -17.52 -18.60
CA GLY B 101 52.14 -18.97 -18.59
C GLY B 101 50.87 -19.81 -18.69
N PRO B 102 50.87 -20.98 -18.02
CA PRO B 102 49.86 -22.03 -18.12
C PRO B 102 48.76 -21.93 -17.06
N LYS B 103 47.52 -21.99 -17.51
CA LYS B 103 46.40 -21.77 -16.61
C LYS B 103 45.65 -23.04 -16.24
N LEU B 104 45.33 -23.15 -14.95
CA LEU B 104 44.55 -24.28 -14.44
C LEU B 104 43.16 -23.88 -13.91
N GLY B 105 42.14 -24.62 -14.36
CA GLY B 105 40.80 -24.41 -13.85
C GLY B 105 40.03 -23.26 -14.49
N LEU B 106 38.75 -23.15 -14.16
CA LEU B 106 37.90 -22.15 -14.78
C LEU B 106 38.40 -20.75 -14.47
N TYR B 107 38.26 -19.87 -15.47
CA TYR B 107 38.42 -18.45 -15.25
C TYR B 107 37.11 -17.81 -15.67
N GLY B 108 36.62 -16.89 -14.84
CA GLY B 108 35.29 -16.31 -15.07
C GLY B 108 35.13 -14.86 -14.65
N TRP B 109 34.16 -14.19 -15.26
CA TRP B 109 33.95 -12.77 -15.02
C TRP B 109 32.60 -12.29 -15.57
N ILE B 110 32.09 -11.23 -14.98
CA ILE B 110 30.80 -10.73 -15.42
C ILE B 110 31.00 -9.92 -16.70
N ALA B 111 30.00 -9.98 -17.57
CA ALA B 111 30.06 -9.38 -18.91
C ALA B 111 29.85 -7.86 -18.92
N ARG B 112 30.87 -7.13 -19.34
CA ARG B 112 30.79 -5.68 -19.48
C ARG B 112 30.85 -5.26 -20.95
N ALA B 113 31.10 -3.97 -21.19
CA ALA B 113 31.08 -3.48 -22.57
C ALA B 113 32.18 -4.13 -23.41
N ASP B 114 33.37 -4.29 -22.85
CA ASP B 114 34.47 -4.86 -23.62
C ASP B 114 34.07 -6.19 -24.24
N ASP B 115 33.45 -7.04 -23.44
CA ASP B 115 33.02 -8.36 -23.92
C ASP B 115 31.89 -8.28 -24.94
N TYR B 116 30.97 -7.36 -24.71
CA TYR B 116 29.83 -7.16 -25.61
C TYR B 116 30.34 -6.66 -26.96
N ASN B 117 31.35 -5.80 -26.92
CA ASN B 117 31.91 -5.21 -28.15
C ASN B 117 32.76 -6.23 -28.86
N GLY B 118 33.87 -6.60 -28.25
CA GLY B 118 34.78 -7.63 -28.74
C GLY B 118 34.35 -8.41 -29.97
N ASN B 119 35.29 -8.58 -30.90
CA ASN B 119 35.00 -9.15 -32.20
C ASN B 119 35.32 -10.64 -32.20
N ASN B 120 34.43 -11.41 -31.56
CA ASN B 120 34.64 -12.84 -31.27
C ASN B 120 33.35 -13.59 -30.90
N ILE B 121 33.46 -14.89 -30.68
CA ILE B 121 32.28 -15.72 -30.41
C ILE B 121 31.50 -15.31 -29.14
N ILE B 122 32.23 -14.79 -28.14
CA ILE B 122 31.56 -14.20 -26.99
C ILE B 122 30.69 -13.01 -27.39
N GLY B 123 31.34 -11.88 -27.71
CA GLY B 123 30.64 -10.67 -28.11
C GLY B 123 29.46 -10.89 -29.06
N GLU B 124 29.66 -11.81 -30.00
CA GLU B 124 28.63 -12.20 -30.95
C GLU B 124 27.44 -12.85 -30.22
N ASN B 125 27.72 -13.61 -29.18
CA ASN B 125 26.64 -14.24 -28.45
C ASN B 125 26.03 -13.38 -27.32
N LEU B 126 26.71 -12.29 -26.95
CA LEU B 126 26.16 -11.33 -26.00
C LEU B 126 25.23 -10.33 -26.71
N ARG B 127 25.58 -9.93 -27.94
CA ARG B 127 24.72 -9.02 -28.70
C ARG B 127 23.47 -9.74 -29.23
N LYS B 128 23.61 -11.03 -29.49
CA LYS B 128 22.47 -11.82 -29.95
C LYS B 128 21.44 -11.96 -28.84
N THR B 129 21.85 -11.71 -27.60
CA THR B 129 21.00 -12.00 -26.44
C THR B 129 20.77 -10.87 -25.42
N GLY B 130 21.43 -9.73 -25.57
CA GLY B 130 21.29 -8.66 -24.58
C GLY B 130 21.84 -7.30 -24.96
N ASP B 131 21.65 -6.32 -24.09
CA ASP B 131 22.03 -4.94 -24.40
C ASP B 131 22.78 -4.28 -23.26
N LEU B 132 23.65 -3.35 -23.61
CA LEU B 132 24.43 -2.64 -22.59
C LEU B 132 23.54 -1.73 -21.77
N LYS B 133 23.86 -1.60 -20.49
CA LYS B 133 23.14 -0.67 -19.59
C LYS B 133 24.04 -0.20 -18.45
N THR B 134 23.93 1.08 -18.08
CA THR B 134 24.85 1.62 -17.10
C THR B 134 24.26 1.69 -15.70
N ILE B 135 24.84 0.93 -14.79
CA ILE B 135 24.39 0.80 -13.40
C ILE B 135 23.69 2.01 -12.80
N ALA B 136 24.46 3.07 -12.54
CA ALA B 136 23.92 4.29 -11.96
C ALA B 136 22.60 4.69 -12.62
N GLU B 137 22.59 4.79 -13.94
CA GLU B 137 21.36 5.09 -14.68
C GLU B 137 20.18 4.23 -14.19
N LEU B 138 20.41 2.95 -14.00
CA LEU B 138 19.38 2.05 -13.47
C LEU B 138 19.16 2.27 -12.00
N THR B 139 20.27 2.30 -11.26
CA THR B 139 20.28 2.47 -9.81
C THR B 139 19.54 3.73 -9.41
N GLU B 140 19.58 4.72 -10.29
CA GLU B 140 18.94 6.00 -10.07
C GLU B 140 17.43 5.84 -10.20
N GLU B 141 16.97 5.48 -11.39
CA GLU B 141 15.55 5.35 -11.68
C GLU B 141 14.79 4.56 -10.60
N GLU B 142 15.46 3.61 -9.98
CA GLU B 142 14.83 2.74 -8.99
C GLU B 142 14.57 3.45 -7.66
N ALA B 143 15.51 4.29 -7.22
CA ALA B 143 15.32 5.03 -5.98
C ALA B 143 14.49 6.28 -6.23
N ARG B 144 14.33 6.63 -7.51
CA ARG B 144 13.44 7.70 -7.91
C ARG B 144 12.01 7.19 -7.96
N LYS B 145 11.85 5.98 -8.51
CA LYS B 145 10.56 5.31 -8.53
C LYS B 145 10.05 5.11 -7.11
N GLN B 146 10.97 5.07 -6.15
CA GLN B 146 10.62 4.81 -4.75
C GLN B 146 10.35 6.08 -3.96
N GLU B 147 11.27 7.05 -4.05
CA GLU B 147 11.04 8.34 -3.45
C GLU B 147 9.73 8.91 -3.99
N LEU B 148 9.29 8.35 -5.11
CA LEU B 148 8.06 8.80 -5.76
C LEU B 148 6.82 8.30 -5.05
N LEU B 149 6.78 7.02 -4.69
CA LEU B 149 5.56 6.51 -4.10
C LEU B 149 5.37 7.07 -2.70
N VAL B 150 6.45 7.12 -1.92
CA VAL B 150 6.33 7.63 -0.55
C VAL B 150 5.61 8.99 -0.51
N GLN B 151 5.95 9.88 -1.44
CA GLN B 151 5.19 11.10 -1.62
C GLN B 151 3.74 10.71 -1.71
N ASN B 152 3.38 10.05 -2.79
CA ASN B 152 1.99 9.67 -3.02
C ASN B 152 1.30 9.04 -1.82
N LEU B 153 2.05 8.35 -0.98
CA LEU B 153 1.47 7.80 0.23
C LEU B 153 1.27 8.91 1.23
N ARG B 154 2.35 9.64 1.52
CA ARG B 154 2.31 10.78 2.42
C ARG B 154 1.20 11.74 1.99
N GLN B 155 1.06 11.89 0.68
CA GLN B 155 0.01 12.69 0.09
C GLN B 155 -1.34 12.18 0.59
N LEU B 156 -1.55 10.88 0.46
CA LEU B 156 -2.81 10.26 0.84
C LEU B 156 -3.06 10.41 2.34
N VAL B 157 -2.00 10.30 3.13
CA VAL B 157 -2.11 10.54 4.56
C VAL B 157 -2.36 12.02 4.80
N GLU B 158 -1.49 12.87 4.26
CA GLU B 158 -1.68 14.31 4.32
C GLU B 158 -3.17 14.64 4.12
N GLU B 159 -3.77 14.03 3.11
CA GLU B 159 -5.22 14.19 2.83
C GLU B 159 -6.06 13.79 4.03
N LYS B 160 -5.89 12.56 4.51
CA LYS B 160 -6.69 12.08 5.63
C LYS B 160 -6.53 13.00 6.83
N LYS B 161 -5.33 13.55 7.03
CA LYS B 161 -5.13 14.51 8.12
C LYS B 161 -6.04 15.72 7.94
N LYS B 162 -6.10 16.25 6.72
CA LYS B 162 -6.97 17.39 6.43
C LYS B 162 -8.43 17.03 6.67
N ASP B 163 -8.81 15.82 6.28
CA ASP B 163 -10.16 15.32 6.51
C ASP B 163 -10.47 15.33 8.01
N MET B 164 -9.44 15.18 8.83
CA MET B 164 -9.59 15.06 10.28
C MET B 164 -9.67 16.42 10.96
N LYS B 165 -9.02 17.43 10.38
CA LYS B 165 -9.10 18.79 10.88
C LYS B 165 -10.46 19.39 10.54
N GLU B 166 -11.00 18.98 9.39
CA GLU B 166 -12.36 19.37 8.99
C GLU B 166 -13.33 19.09 10.15
N ILE B 167 -13.40 17.83 10.54
CA ILE B 167 -14.30 17.39 11.60
C ILE B 167 -14.06 18.17 12.89
N GLU B 168 -12.80 18.25 13.31
CA GLU B 168 -12.45 19.00 14.50
C GLU B 168 -12.94 20.46 14.41
N GLU B 169 -12.79 21.06 13.23
CA GLU B 169 -13.20 22.44 13.03
C GLU B 169 -14.71 22.61 13.17
N LEU B 170 -15.46 21.60 12.75
CA LEU B 170 -16.92 21.60 12.94
C LEU B 170 -17.25 21.35 14.43
N CYS B 171 -16.65 20.31 15.00
CA CYS B 171 -16.88 19.91 16.40
C CYS B 171 -16.84 21.10 17.36
S SO4 C . -28.14 23.14 19.16
O1 SO4 C . -26.72 23.15 19.53
O2 SO4 C . -28.40 24.26 18.27
O3 SO4 C . -28.44 21.86 18.50
O4 SO4 C . -28.96 23.32 20.35
S SO4 D . 37.55 -24.51 -41.56
O1 SO4 D . 37.53 -24.56 -40.10
O2 SO4 D . 38.62 -25.39 -42.04
O3 SO4 D . 36.25 -24.97 -42.07
O4 SO4 D . 37.83 -23.15 -41.99
S SO4 E . 38.67 -9.34 -13.25
O1 SO4 E . 39.16 -9.71 -11.93
O2 SO4 E . 37.98 -8.04 -13.20
O3 SO4 E . 39.81 -9.25 -14.16
O4 SO4 E . 37.73 -10.36 -13.72
S SO4 F . 26.93 -9.27 -34.77
O1 SO4 F . 25.77 -8.73 -35.49
O2 SO4 F . 26.47 -9.83 -33.49
O3 SO4 F . 27.56 -10.32 -35.56
O4 SO4 F . 27.88 -8.20 -34.52
#